data_5NIS
#
_entry.id   5NIS
#
_cell.length_a   187.308
_cell.length_b   187.308
_cell.length_c   119.973
_cell.angle_alpha   90.00
_cell.angle_beta   90.00
_cell.angle_gamma   120.00
#
_symmetry.space_group_name_H-M   'P 62 2 2'
#
_entity_poly.entity_id   1
_entity_poly.type   'polypeptide(L)'
_entity_poly.pdbx_seq_one_letter_code
;GAMGEDVDKTLNELLAAEDTDKNYQITIEDTGPKVLKVGTANSYGYKHINIRGTYMLSNLLQELTIAKSFGRHQIFLDEA
RINENPVNRLSRLINTQFWNSLTRRVDLNNVGEIAKDTKIDTPGAKNPRIYVPYDCPEQYEFYVQASQMHPSLKLEVEYL
PKKITAEYVKSVNDTPGLLALAMEEHFNPSTGEKTLIGYPYAVPGGRFNELYGWDSYMMALGLLEANKTDVARGMVEHFI
FEINHYGKILNANRSYYLCRSQPPFLTEMALVVFKKLGGRSNPDAVDLLKRAFQASIKEYKTVWTASPRLDPETGLSRYH
PNGLGIPPETESDHFDTVLLPYASKHGVTLDEFKQLYNDGKIKEPKLDEFFLHDRGVRESGHDTTYRFEGVCAYLATIDL
NSLLYKYEIDIADFIKEFCDDKYEDPLDHSITTSAMWKEMAKIRQEKITKYMWDDESGFFFDYNTKIKHRTSYESATTFW
ALWAGLATKEQAQKMVEKALPKLEMLGGLAACTERSRGPISISRPIRQWDYPFGWAPHQILAWEGLRSYGYLTVTNRLAY
RWLFMMTKAFVDYNGIVVEKYDVTRGTDPHRVEAEYGNQGADFKGAATEGFGWVNASYILGLKYMNSHARRALGACIPPI
SFFSSLRPQERNLYGL
;
_entity_poly.pdbx_strand_id   A
#
# COMPACT_ATOMS: atom_id res chain seq x y z
N ASN A 85 11.67 -31.03 0.99
CA ASN A 85 12.52 -29.84 0.85
C ASN A 85 11.81 -28.52 1.21
N PRO A 86 12.25 -27.88 2.29
CA PRO A 86 11.48 -26.74 2.85
C PRO A 86 11.10 -25.64 1.87
N VAL A 87 11.97 -25.21 0.95
CA VAL A 87 11.53 -24.12 0.08
C VAL A 87 10.45 -24.59 -0.89
N ASN A 88 10.40 -25.89 -1.17
CA ASN A 88 9.32 -26.41 -1.99
C ASN A 88 8.03 -26.55 -1.20
N ARG A 89 8.09 -26.83 0.10
CA ARG A 89 6.85 -27.00 0.86
C ARG A 89 6.18 -25.67 1.13
N LEU A 90 6.96 -24.66 1.53
CA LEU A 90 6.41 -23.31 1.77
C LEU A 90 5.86 -22.71 0.50
N SER A 91 6.70 -22.55 -0.52
CA SER A 91 6.24 -22.17 -1.84
C SER A 91 4.95 -22.89 -2.25
N ARG A 92 4.87 -24.21 -2.03
CA ARG A 92 3.67 -24.94 -2.38
C ARG A 92 2.48 -24.46 -1.56
N LEU A 93 2.71 -24.21 -0.27
CA LEU A 93 1.65 -23.79 0.64
C LEU A 93 1.21 -22.35 0.39
N ILE A 94 2.12 -21.48 -0.04
CA ILE A 94 1.68 -20.16 -0.47
C ILE A 94 0.80 -20.27 -1.69
N ASN A 95 1.29 -20.92 -2.73
CA ASN A 95 0.59 -20.84 -3.99
C ASN A 95 -0.80 -21.48 -3.94
N THR A 96 -1.06 -22.35 -2.98
CA THR A 96 -2.33 -23.07 -2.96
C THR A 96 -3.18 -22.73 -1.75
N GLN A 97 -2.70 -23.01 -0.55
CA GLN A 97 -3.59 -22.98 0.61
C GLN A 97 -3.68 -21.60 1.24
N PHE A 98 -2.56 -20.89 1.31
CA PHE A 98 -2.57 -19.56 1.92
C PHE A 98 -3.39 -18.57 1.10
N TRP A 99 -3.22 -18.55 -0.22
CA TRP A 99 -4.02 -17.63 -1.03
C TRP A 99 -5.50 -17.90 -0.83
N ASN A 100 -5.90 -19.17 -0.78
CA ASN A 100 -7.30 -19.46 -0.49
C ASN A 100 -7.68 -19.05 0.93
N SER A 101 -6.82 -19.36 1.90
CA SER A 101 -7.01 -18.89 3.28
C SER A 101 -7.27 -17.39 3.35
N LEU A 102 -6.79 -16.63 2.36
CA LEU A 102 -6.87 -15.18 2.39
C LEU A 102 -7.83 -14.60 1.35
N THR A 103 -8.42 -15.43 0.50
CA THR A 103 -9.44 -14.88 -0.39
C THR A 103 -10.66 -14.52 0.41
N ARG A 104 -11.37 -13.48 -0.06
CA ARG A 104 -12.70 -13.14 0.44
C ARG A 104 -13.60 -12.83 -0.76
N ARG A 105 -14.87 -13.16 -0.62
CA ARG A 105 -15.82 -12.90 -1.69
C ARG A 105 -17.20 -12.69 -1.08
N VAL A 106 -17.81 -11.56 -1.42
CA VAL A 106 -19.01 -11.08 -0.75
C VAL A 106 -20.25 -11.57 -1.49
N ASP A 107 -21.03 -12.42 -0.78
CA ASP A 107 -22.35 -12.89 -1.19
C ASP A 107 -23.32 -12.68 -0.03
N LEU A 108 -24.52 -13.22 -0.18
CA LEU A 108 -25.64 -12.88 0.67
C LEU A 108 -25.60 -13.54 2.06
N ASN A 109 -24.50 -14.22 2.43
CA ASN A 109 -24.52 -15.04 3.64
C ASN A 109 -23.33 -14.79 4.55
N ASN A 110 -22.21 -14.37 3.96
CA ASN A 110 -21.03 -13.98 4.70
C ASN A 110 -20.99 -12.50 5.02
N VAL A 111 -21.90 -11.71 4.41
CA VAL A 111 -21.94 -10.26 4.64
C VAL A 111 -21.86 -9.93 6.11
N GLY A 112 -22.72 -10.56 6.92
CA GLY A 112 -22.59 -10.42 8.35
C GLY A 112 -21.19 -10.73 8.84
N GLU A 113 -20.65 -11.88 8.44
CA GLU A 113 -19.34 -12.30 8.93
C GLU A 113 -18.29 -11.24 8.62
N ILE A 114 -18.24 -10.77 7.37
CA ILE A 114 -17.23 -9.80 6.96
C ILE A 114 -17.39 -8.50 7.73
N ALA A 115 -18.60 -7.93 7.71
CA ALA A 115 -18.83 -6.61 8.28
C ALA A 115 -18.63 -6.55 9.79
N LYS A 116 -18.56 -7.68 10.49
CA LYS A 116 -18.29 -7.62 11.93
C LYS A 116 -16.93 -6.95 12.14
N ASP A 117 -16.91 -5.95 13.02
CA ASP A 117 -15.70 -5.16 13.22
C ASP A 117 -15.54 -4.85 14.71
N THR A 118 -14.45 -5.37 15.27
CA THR A 118 -14.14 -5.14 16.68
C THR A 118 -13.38 -3.84 16.91
N LYS A 119 -12.57 -3.41 15.93
CA LYS A 119 -11.58 -2.37 16.18
C LYS A 119 -12.16 -1.17 16.95
N ILE A 120 -13.47 -0.93 16.80
CA ILE A 120 -14.19 0.14 17.48
C ILE A 120 -15.23 -0.47 18.42
N ASP A 121 -15.35 0.12 19.61
CA ASP A 121 -16.24 -0.39 20.65
C ASP A 121 -17.04 0.77 21.25
N THR A 122 -18.15 1.11 20.61
CA THR A 122 -19.18 1.96 21.22
C THR A 122 -20.50 1.23 21.09
N PRO A 123 -21.61 1.79 21.58
CA PRO A 123 -22.93 1.28 21.21
C PRO A 123 -23.11 1.00 19.73
N GLY A 124 -22.96 2.02 18.87
CA GLY A 124 -23.27 1.87 17.46
C GLY A 124 -22.51 0.76 16.75
N ALA A 125 -21.35 0.36 17.29
CA ALA A 125 -20.52 -0.67 16.69
C ALA A 125 -21.00 -2.09 17.01
N LYS A 126 -22.09 -2.25 17.79
CA LYS A 126 -22.49 -3.58 18.23
C LYS A 126 -23.15 -4.37 17.10
N ASN A 127 -23.85 -3.71 16.18
CA ASN A 127 -24.39 -4.44 15.04
C ASN A 127 -23.50 -4.26 13.82
N PRO A 128 -23.16 -5.33 13.09
CA PRO A 128 -22.43 -5.15 11.83
C PRO A 128 -23.21 -4.26 10.88
N ARG A 129 -22.50 -3.36 10.22
CA ARG A 129 -23.12 -2.33 9.41
C ARG A 129 -22.37 -2.19 8.10
N ILE A 130 -23.10 -2.08 7.01
CA ILE A 130 -22.51 -1.79 5.72
C ILE A 130 -23.08 -0.49 5.16
N TYR A 131 -22.22 0.36 4.58
CA TYR A 131 -22.58 1.63 3.97
C TYR A 131 -22.50 1.54 2.45
N VAL A 132 -23.50 2.08 1.76
CA VAL A 132 -23.54 2.00 0.30
C VAL A 132 -23.39 3.40 -0.29
N PRO A 133 -22.71 3.57 -1.43
CA PRO A 133 -22.74 4.85 -2.12
C PRO A 133 -24.16 5.27 -2.46
N TYR A 134 -24.34 6.60 -2.55
CA TYR A 134 -25.68 7.14 -2.75
C TYR A 134 -26.32 6.68 -4.05
N ASP A 135 -25.52 6.49 -5.11
CA ASP A 135 -26.04 6.23 -6.44
C ASP A 135 -25.93 4.76 -6.87
N CYS A 136 -25.89 3.81 -5.91
CA CYS A 136 -25.87 2.37 -6.18
C CYS A 136 -27.11 1.73 -5.59
N PRO A 137 -28.28 1.88 -6.24
CA PRO A 137 -29.49 1.27 -5.68
C PRO A 137 -29.49 -0.24 -5.81
N GLU A 138 -29.11 -0.76 -6.98
CA GLU A 138 -29.12 -2.21 -7.16
C GLU A 138 -28.33 -2.90 -6.06
N GLN A 139 -27.25 -2.25 -5.61
CA GLN A 139 -26.41 -2.77 -4.54
C GLN A 139 -27.01 -2.52 -3.17
N TYR A 140 -27.77 -1.43 -3.00
CA TYR A 140 -28.49 -1.24 -1.74
C TYR A 140 -29.49 -2.36 -1.52
N GLU A 141 -30.31 -2.62 -2.56
CA GLU A 141 -31.29 -3.70 -2.48
C GLU A 141 -30.61 -5.01 -2.11
N PHE A 142 -29.43 -5.27 -2.69
CA PHE A 142 -28.69 -6.49 -2.37
C PHE A 142 -28.46 -6.64 -0.87
N TYR A 143 -27.73 -5.70 -0.26
CA TYR A 143 -27.38 -5.86 1.15
C TYR A 143 -28.60 -5.76 2.06
N VAL A 144 -29.70 -5.20 1.56
CA VAL A 144 -30.91 -5.20 2.37
C VAL A 144 -31.58 -6.57 2.32
N GLN A 145 -31.77 -7.10 1.11
CA GLN A 145 -32.15 -8.49 0.95
C GLN A 145 -31.29 -9.37 1.85
N ALA A 146 -29.98 -9.19 1.76
CA ALA A 146 -29.05 -9.95 2.59
C ALA A 146 -29.34 -9.78 4.08
N SER A 147 -29.67 -8.57 4.52
CA SER A 147 -29.83 -8.35 5.96
C SER A 147 -31.08 -9.02 6.51
N GLN A 148 -32.11 -9.15 5.66
CA GLN A 148 -33.33 -9.83 6.07
C GLN A 148 -33.15 -11.35 6.15
N MET A 149 -32.21 -11.91 5.38
CA MET A 149 -32.09 -13.37 5.31
C MET A 149 -31.47 -13.95 6.58
N HIS A 150 -30.44 -13.30 7.11
CA HIS A 150 -29.87 -13.79 8.36
C HIS A 150 -30.11 -12.72 9.41
N PRO A 151 -31.37 -12.40 9.70
CA PRO A 151 -31.67 -11.20 10.48
C PRO A 151 -31.09 -11.23 11.87
N SER A 152 -30.80 -12.43 12.38
CA SER A 152 -30.21 -12.59 13.70
C SER A 152 -28.90 -11.83 13.87
N LEU A 153 -28.24 -11.46 12.77
CA LEU A 153 -27.05 -10.63 12.86
C LEU A 153 -27.38 -9.17 13.17
N LYS A 154 -28.64 -8.77 12.97
CA LYS A 154 -29.07 -7.38 13.12
C LYS A 154 -28.19 -6.46 12.28
N LEU A 155 -27.95 -6.89 11.04
CA LEU A 155 -27.14 -6.12 10.11
C LEU A 155 -27.89 -4.87 9.65
N GLU A 156 -27.23 -3.72 9.75
CA GLU A 156 -27.80 -2.45 9.30
C GLU A 156 -27.19 -2.05 7.97
N VAL A 157 -28.00 -1.42 7.12
CA VAL A 157 -27.62 -1.11 5.74
C VAL A 157 -27.97 0.35 5.45
N GLU A 158 -26.95 1.23 5.42
CA GLU A 158 -27.14 2.67 5.32
C GLU A 158 -26.58 3.24 4.02
N TYR A 159 -27.37 4.05 3.33
CA TYR A 159 -26.87 4.83 2.21
C TYR A 159 -25.90 5.90 2.67
N LEU A 160 -25.00 6.20 1.87
CA LEU A 160 -24.01 7.23 2.13
C LEU A 160 -24.43 8.56 1.55
N PRO A 161 -24.07 9.64 2.23
CA PRO A 161 -24.19 10.97 1.63
C PRO A 161 -23.63 11.03 0.22
N LYS A 162 -24.24 11.89 -0.60
CA LYS A 162 -23.64 12.19 -1.90
C LYS A 162 -22.30 12.89 -1.73
N LYS A 163 -22.14 13.67 -0.67
CA LYS A 163 -20.96 14.51 -0.49
C LYS A 163 -20.35 14.12 0.85
N ILE A 164 -19.30 13.29 0.78
CA ILE A 164 -18.69 12.69 1.96
C ILE A 164 -17.70 13.70 2.55
N THR A 165 -17.99 14.24 3.73
CA THR A 165 -17.18 15.33 4.26
C THR A 165 -16.50 14.92 5.55
N ALA A 166 -15.33 15.49 5.80
CA ALA A 166 -14.60 15.16 7.02
C ALA A 166 -15.48 15.29 8.25
N GLU A 167 -16.38 16.29 8.24
CA GLU A 167 -17.30 16.46 9.37
C GLU A 167 -18.23 15.25 9.48
N TYR A 168 -18.63 14.67 8.35
CA TYR A 168 -19.54 13.53 8.38
C TYR A 168 -18.85 12.31 8.96
N VAL A 169 -17.68 11.98 8.42
CA VAL A 169 -16.90 10.85 8.94
C VAL A 169 -16.80 10.95 10.45
N LYS A 170 -16.43 12.13 10.97
CA LYS A 170 -16.28 12.31 12.41
C LYS A 170 -17.55 11.90 13.14
N SER A 171 -18.71 12.05 12.49
CA SER A 171 -19.97 11.68 13.13
C SER A 171 -20.14 10.17 13.21
N VAL A 172 -19.82 9.46 12.13
CA VAL A 172 -20.05 8.02 12.05
C VAL A 172 -18.92 7.27 12.73
N ASN A 173 -18.07 8.01 13.47
CA ASN A 173 -17.03 7.38 14.28
C ASN A 173 -17.62 6.41 15.30
N ASP A 174 -18.84 6.65 15.75
CA ASP A 174 -19.47 5.77 16.72
C ASP A 174 -20.39 4.74 16.08
N THR A 175 -20.68 4.89 14.79
CA THR A 175 -21.62 4.00 14.10
C THR A 175 -20.92 3.42 12.87
N PRO A 176 -19.81 2.70 13.07
CA PRO A 176 -18.91 2.39 11.96
C PRO A 176 -19.43 1.28 11.08
N GLY A 177 -19.00 1.29 9.82
CA GLY A 177 -19.51 0.34 8.85
C GLY A 177 -18.46 -0.14 7.88
N LEU A 178 -18.78 -1.21 7.19
CA LEU A 178 -17.96 -1.70 6.10
C LEU A 178 -18.47 -1.14 4.78
N LEU A 179 -17.59 -0.50 4.03
CA LEU A 179 -18.04 0.11 2.78
C LEU A 179 -18.29 -0.95 1.72
N ALA A 180 -19.43 -0.85 1.05
CA ALA A 180 -19.65 -1.64 -0.17
C ALA A 180 -18.52 -1.44 -1.17
N LEU A 181 -18.20 -2.50 -1.90
CA LEU A 181 -17.16 -2.49 -2.91
C LEU A 181 -17.71 -3.00 -4.23
N ALA A 182 -16.85 -3.28 -5.21
CA ALA A 182 -17.29 -3.67 -6.53
C ALA A 182 -18.07 -4.97 -6.51
N MET A 183 -18.74 -5.22 -7.63
CA MET A 183 -19.80 -6.22 -7.74
C MET A 183 -20.02 -6.51 -9.21
N GLU A 184 -19.99 -7.80 -9.58
CA GLU A 184 -20.11 -8.21 -10.97
C GLU A 184 -21.47 -8.82 -11.25
N GLU A 185 -22.02 -8.44 -12.40
CA GLU A 185 -23.36 -8.82 -12.81
C GLU A 185 -23.31 -10.21 -13.40
N HIS A 186 -24.18 -11.11 -12.91
CA HIS A 186 -24.28 -12.49 -13.35
C HIS A 186 -25.74 -12.88 -13.55
N PHE A 187 -26.04 -13.40 -14.74
CA PHE A 187 -27.41 -13.59 -15.21
C PHE A 187 -27.73 -15.07 -15.40
N ASN A 188 -28.98 -15.43 -15.10
CA ASN A 188 -29.49 -16.76 -15.43
C ASN A 188 -29.58 -16.94 -16.93
N PRO A 189 -29.11 -18.06 -17.49
CA PRO A 189 -28.98 -18.18 -18.94
C PRO A 189 -30.20 -18.72 -19.69
N SER A 190 -31.23 -19.18 -18.99
CA SER A 190 -32.50 -19.47 -19.66
C SER A 190 -33.66 -18.63 -19.16
N THR A 191 -33.62 -18.15 -17.90
CA THR A 191 -34.61 -17.17 -17.43
C THR A 191 -34.16 -15.73 -17.64
N GLY A 192 -32.88 -15.43 -17.42
CA GLY A 192 -32.39 -14.07 -17.62
C GLY A 192 -32.35 -13.21 -16.38
N GLU A 193 -32.44 -13.80 -15.20
CA GLU A 193 -32.58 -13.04 -13.97
C GLU A 193 -31.21 -12.55 -13.50
N LYS A 194 -31.10 -11.23 -13.26
CA LYS A 194 -29.86 -10.63 -12.79
C LYS A 194 -29.56 -11.08 -11.37
N THR A 195 -28.28 -11.34 -11.10
CA THR A 195 -27.79 -11.64 -9.76
C THR A 195 -26.52 -10.84 -9.54
N LEU A 196 -26.32 -10.45 -8.29
CA LEU A 196 -25.08 -9.78 -7.91
C LEU A 196 -24.20 -10.74 -7.12
N ILE A 197 -22.93 -10.79 -7.51
CA ILE A 197 -21.91 -11.44 -6.70
C ILE A 197 -20.68 -10.55 -6.64
N GLY A 198 -20.12 -10.42 -5.45
CA GLY A 198 -19.01 -9.50 -5.25
C GLY A 198 -17.76 -10.04 -5.91
N TYR A 199 -17.07 -9.18 -6.67
CA TYR A 199 -15.73 -9.52 -7.16
C TYR A 199 -14.89 -9.92 -5.95
N PRO A 200 -13.94 -10.84 -6.14
CA PRO A 200 -13.17 -11.40 -5.02
C PRO A 200 -11.88 -10.63 -4.78
N TYR A 201 -11.42 -10.67 -3.54
CA TYR A 201 -10.23 -9.91 -3.16
C TYR A 201 -9.41 -10.72 -2.15
N ALA A 202 -8.31 -10.14 -1.66
CA ALA A 202 -7.46 -10.82 -0.69
C ALA A 202 -7.21 -9.91 0.51
N VAL A 203 -7.20 -10.51 1.70
CA VAL A 203 -6.88 -9.78 2.91
C VAL A 203 -5.37 -9.89 3.14
N PRO A 204 -4.76 -9.00 3.92
CA PRO A 204 -3.34 -9.17 4.24
C PRO A 204 -3.05 -10.26 5.27
N GLY A 205 -4.04 -10.74 6.01
CA GLY A 205 -3.80 -11.81 6.95
C GLY A 205 -5.08 -12.39 7.53
N GLY A 206 -5.07 -13.70 7.82
CA GLY A 206 -6.25 -14.41 8.30
C GLY A 206 -7.00 -13.68 9.41
N ARG A 207 -6.31 -12.74 10.08
CA ARG A 207 -6.84 -11.87 11.11
C ARG A 207 -7.39 -10.55 10.55
N PHE A 208 -7.86 -10.54 9.31
CA PHE A 208 -8.49 -9.35 8.73
C PHE A 208 -9.58 -9.77 7.74
N ASN A 209 -10.43 -8.79 7.41
CA ASN A 209 -11.51 -8.98 6.44
C ASN A 209 -11.63 -7.88 5.42
N GLU A 210 -10.90 -6.78 5.57
CA GLU A 210 -11.05 -5.62 4.72
C GLU A 210 -10.06 -5.68 3.58
N LEU A 211 -10.44 -5.10 2.44
CA LEU A 211 -9.54 -4.93 1.31
C LEU A 211 -8.60 -3.76 1.63
N TYR A 212 -7.31 -4.05 1.84
CA TYR A 212 -6.39 -2.98 2.22
C TYR A 212 -5.84 -2.30 0.97
N GLY A 213 -4.83 -1.47 1.14
CA GLY A 213 -4.51 -0.51 0.10
C GLY A 213 -3.39 -0.95 -0.81
N TRP A 214 -2.18 -0.44 -0.57
CA TRP A 214 -1.04 -0.85 -1.39
C TRP A 214 -0.67 -2.30 -1.17
N ASP A 215 -0.98 -2.88 0.00
CA ASP A 215 -0.79 -4.31 0.18
C ASP A 215 -1.30 -5.05 -1.04
N SER A 216 -2.51 -4.71 -1.48
CA SER A 216 -3.18 -5.40 -2.56
C SER A 216 -2.39 -5.40 -3.87
N TYR A 217 -1.44 -4.50 -4.06
CA TYR A 217 -0.62 -4.57 -5.27
C TYR A 217 0.31 -5.79 -5.20
N MET A 218 1.18 -5.83 -4.19
CA MET A 218 2.08 -6.96 -3.98
C MET A 218 1.34 -8.29 -4.03
N MET A 219 0.30 -8.42 -3.20
CA MET A 219 -0.50 -9.64 -3.19
C MET A 219 -0.98 -10.00 -4.58
N ALA A 220 -1.33 -9.00 -5.40
CA ALA A 220 -1.78 -9.27 -6.76
C ALA A 220 -0.67 -9.80 -7.63
N LEU A 221 0.58 -9.41 -7.37
CA LEU A 221 1.72 -10.03 -8.06
C LEU A 221 1.84 -11.51 -7.71
N GLY A 222 1.69 -11.85 -6.44
CA GLY A 222 1.74 -13.26 -6.05
C GLY A 222 0.61 -14.05 -6.66
N LEU A 223 -0.61 -13.52 -6.56
CA LEU A 223 -1.77 -14.20 -7.12
C LEU A 223 -1.60 -14.44 -8.60
N LEU A 224 -0.88 -13.56 -9.29
CA LEU A 224 -0.68 -13.78 -10.71
C LEU A 224 0.34 -14.88 -10.98
N GLU A 225 1.35 -15.01 -10.13
CA GLU A 225 2.29 -16.11 -10.30
C GLU A 225 1.62 -17.44 -9.90
N ALA A 226 0.79 -17.44 -8.87
CA ALA A 226 -0.02 -18.61 -8.53
C ALA A 226 -1.23 -18.79 -9.45
N ASN A 227 -1.27 -18.10 -10.58
CA ASN A 227 -2.32 -18.23 -11.58
C ASN A 227 -3.73 -18.19 -10.97
N LYS A 228 -3.88 -17.42 -9.89
CA LYS A 228 -5.18 -17.03 -9.36
C LYS A 228 -5.60 -15.66 -9.90
N THR A 229 -5.57 -15.49 -11.22
CA THR A 229 -5.74 -14.16 -11.82
C THR A 229 -7.12 -13.56 -11.54
N ASP A 230 -8.13 -14.40 -11.30
CA ASP A 230 -9.47 -13.89 -10.99
C ASP A 230 -9.43 -12.96 -9.77
N VAL A 231 -8.63 -13.31 -8.76
CA VAL A 231 -8.54 -12.49 -7.56
C VAL A 231 -7.72 -11.23 -7.79
N ALA A 232 -6.74 -11.27 -8.69
CA ALA A 232 -5.99 -10.04 -8.97
C ALA A 232 -6.87 -9.03 -9.71
N ARG A 233 -7.55 -9.47 -10.77
CA ARG A 233 -8.44 -8.55 -11.50
C ARG A 233 -9.56 -8.09 -10.59
N GLY A 234 -10.08 -8.99 -9.75
CA GLY A 234 -11.05 -8.58 -8.74
C GLY A 234 -10.63 -7.31 -8.03
N MET A 235 -9.37 -7.24 -7.60
CA MET A 235 -8.98 -6.10 -6.80
C MET A 235 -8.84 -4.83 -7.63
N VAL A 236 -8.46 -4.95 -8.90
CA VAL A 236 -8.50 -3.77 -9.74
C VAL A 236 -9.93 -3.27 -9.87
N GLU A 237 -10.89 -4.18 -10.01
CA GLU A 237 -12.28 -3.76 -10.10
C GLU A 237 -12.69 -2.99 -8.86
N HIS A 238 -12.19 -3.42 -7.70
CA HIS A 238 -12.50 -2.70 -6.47
C HIS A 238 -11.85 -1.33 -6.44
N PHE A 239 -10.61 -1.23 -6.88
CA PHE A 239 -9.95 0.06 -6.78
C PHE A 239 -10.57 1.09 -7.70
N ILE A 240 -11.11 0.65 -8.84
CA ILE A 240 -11.86 1.58 -9.66
C ILE A 240 -13.08 2.06 -8.91
N PHE A 241 -13.83 1.14 -8.32
CA PHE A 241 -15.02 1.48 -7.55
C PHE A 241 -14.68 2.40 -6.38
N GLU A 242 -13.64 2.08 -5.62
CA GLU A 242 -13.26 2.95 -4.50
C GLU A 242 -13.05 4.38 -5.01
N ILE A 243 -12.30 4.52 -6.11
CA ILE A 243 -11.99 5.83 -6.66
C ILE A 243 -13.25 6.48 -7.18
N ASN A 244 -14.18 5.70 -7.74
CA ASN A 244 -15.32 6.31 -8.39
C ASN A 244 -16.44 6.69 -7.43
N HIS A 245 -16.50 6.08 -6.25
CA HIS A 245 -17.59 6.32 -5.32
C HIS A 245 -17.12 6.92 -4.00
N TYR A 246 -15.94 6.58 -3.54
CA TYR A 246 -15.39 7.19 -2.33
C TYR A 246 -14.31 8.20 -2.64
N GLY A 247 -13.96 8.35 -3.91
CA GLY A 247 -13.07 9.39 -4.35
C GLY A 247 -11.59 9.15 -4.14
N LYS A 248 -11.17 7.93 -3.80
CA LYS A 248 -9.75 7.65 -3.58
C LYS A 248 -9.56 6.16 -3.31
N ILE A 249 -8.31 5.71 -3.39
CA ILE A 249 -8.03 4.36 -2.90
C ILE A 249 -7.86 4.43 -1.39
N LEU A 250 -8.62 3.61 -0.68
CA LEU A 250 -8.71 3.69 0.77
C LEU A 250 -7.68 2.81 1.45
N ASN A 251 -7.21 3.29 2.62
CA ASN A 251 -6.45 2.48 3.55
C ASN A 251 -7.06 1.08 3.67
N ALA A 252 -8.39 1.02 3.73
CA ALA A 252 -9.18 -0.21 3.73
C ALA A 252 -10.64 0.21 3.69
N ASN A 253 -11.51 -0.64 3.17
CA ASN A 253 -12.89 -0.24 2.94
C ASN A 253 -13.70 -0.30 4.24
N ARG A 254 -13.41 0.65 5.13
CA ARG A 254 -14.25 0.86 6.30
C ARG A 254 -14.57 2.35 6.47
N SER A 255 -15.75 2.63 7.05
CA SER A 255 -16.24 3.98 7.28
C SER A 255 -15.18 4.92 7.82
N TYR A 256 -14.43 4.47 8.84
CA TYR A 256 -13.49 5.33 9.53
C TYR A 256 -12.19 5.56 8.76
N TYR A 257 -12.07 5.03 7.54
CA TYR A 257 -10.89 5.26 6.70
C TYR A 257 -11.21 6.16 5.50
N LEU A 258 -12.41 6.74 5.46
CA LEU A 258 -12.86 7.44 4.26
C LEU A 258 -12.05 8.69 3.93
N CYS A 259 -11.22 9.16 4.85
CA CYS A 259 -10.50 10.40 4.62
C CYS A 259 -9.03 10.17 4.25
N ARG A 260 -8.52 8.94 4.41
CA ARG A 260 -7.14 8.53 4.12
C ARG A 260 -7.02 7.69 2.86
N SER A 261 -5.89 7.84 2.19
CA SER A 261 -5.53 7.03 1.05
C SER A 261 -4.36 6.11 1.41
N GLN A 262 -3.76 5.47 0.41
CA GLN A 262 -2.51 4.74 0.57
C GLN A 262 -1.60 5.03 -0.61
N PRO A 263 -0.32 4.61 -0.57
CA PRO A 263 0.59 4.84 -1.70
C PRO A 263 0.00 4.32 -3.00
N PRO A 264 0.02 5.13 -4.07
CA PRO A 264 -0.70 4.75 -5.30
C PRO A 264 0.11 3.88 -6.25
N PHE A 265 -0.48 2.74 -6.64
CA PHE A 265 0.15 1.84 -7.59
C PHE A 265 -0.75 1.50 -8.79
N LEU A 266 -2.03 1.90 -8.77
CA LEU A 266 -3.06 1.39 -9.68
C LEU A 266 -2.63 1.33 -11.14
N THR A 267 -1.71 2.19 -11.57
CA THR A 267 -1.23 2.17 -12.96
C THR A 267 -0.61 0.83 -13.30
N GLU A 268 0.42 0.44 -12.55
CA GLU A 268 1.16 -0.75 -12.95
C GLU A 268 0.44 -2.01 -12.45
N MET A 269 -0.31 -1.91 -11.34
CA MET A 269 -1.24 -2.99 -11.00
C MET A 269 -2.24 -3.23 -12.14
N ALA A 270 -2.70 -2.18 -12.80
CA ALA A 270 -3.55 -2.37 -13.97
C ALA A 270 -2.78 -3.05 -15.09
N LEU A 271 -1.57 -2.57 -15.37
CA LEU A 271 -0.78 -3.11 -16.48
C LEU A 271 -0.55 -4.62 -16.33
N VAL A 272 -0.07 -5.09 -15.16
CA VAL A 272 0.27 -6.52 -15.09
C VAL A 272 -0.97 -7.40 -15.22
N VAL A 273 -2.09 -7.03 -14.59
CA VAL A 273 -3.31 -7.80 -14.80
C VAL A 273 -3.77 -7.72 -16.26
N PHE A 274 -3.49 -6.60 -16.92
CA PHE A 274 -3.79 -6.49 -18.35
C PHE A 274 -2.98 -7.48 -19.16
N LYS A 275 -1.66 -7.50 -18.94
CA LYS A 275 -0.80 -8.35 -19.73
C LYS A 275 -1.13 -9.82 -19.51
N LYS A 276 -1.31 -10.23 -18.25
CA LYS A 276 -1.64 -11.62 -17.95
C LYS A 276 -2.99 -12.02 -18.56
N LEU A 277 -3.88 -11.07 -18.80
CA LEU A 277 -5.20 -11.39 -19.32
C LEU A 277 -5.19 -11.64 -20.82
N GLY A 278 -4.21 -11.11 -21.54
CA GLY A 278 -4.15 -11.31 -22.97
C GLY A 278 -3.59 -10.11 -23.68
N GLY A 279 -3.63 -8.96 -23.02
CA GLY A 279 -3.20 -7.74 -23.69
C GLY A 279 -4.24 -7.30 -24.70
N ARG A 280 -3.78 -6.65 -25.78
CA ARG A 280 -4.69 -6.16 -26.82
C ARG A 280 -5.63 -7.24 -27.33
N SER A 281 -5.22 -8.51 -27.25
CA SER A 281 -6.00 -9.59 -27.83
C SER A 281 -7.21 -9.99 -26.99
N ASN A 282 -7.26 -9.64 -25.70
CA ASN A 282 -8.45 -9.96 -24.92
C ASN A 282 -9.29 -8.68 -24.83
N PRO A 283 -10.48 -8.64 -25.46
CA PRO A 283 -11.28 -7.39 -25.42
C PRO A 283 -11.71 -7.01 -24.02
N ASP A 284 -12.09 -8.01 -23.21
CA ASP A 284 -12.38 -7.77 -21.80
C ASP A 284 -11.21 -7.12 -21.09
N ALA A 285 -9.99 -7.57 -21.42
CA ALA A 285 -8.81 -6.93 -20.87
C ALA A 285 -8.73 -5.47 -21.26
N VAL A 286 -8.92 -5.16 -22.55
CA VAL A 286 -8.73 -3.79 -23.00
C VAL A 286 -9.79 -2.88 -22.40
N ASP A 287 -10.97 -3.41 -22.10
CA ASP A 287 -11.97 -2.63 -21.38
C ASP A 287 -11.51 -2.32 -19.96
N LEU A 288 -11.04 -3.35 -19.24
CA LEU A 288 -10.53 -3.13 -17.90
C LEU A 288 -9.36 -2.14 -17.88
N LEU A 289 -8.43 -2.26 -18.84
CA LEU A 289 -7.30 -1.35 -18.84
C LEU A 289 -7.78 0.10 -18.91
N LYS A 290 -8.73 0.37 -19.81
CA LYS A 290 -9.23 1.71 -20.02
C LYS A 290 -9.94 2.25 -18.76
N ARG A 291 -10.83 1.44 -18.19
CA ARG A 291 -11.49 1.85 -16.96
C ARG A 291 -10.48 2.18 -15.88
N ALA A 292 -9.53 1.28 -15.65
CA ALA A 292 -8.53 1.48 -14.61
C ALA A 292 -7.64 2.69 -14.90
N PHE A 293 -7.47 3.06 -16.16
CA PHE A 293 -6.71 4.28 -16.43
C PHE A 293 -7.56 5.54 -16.41
N GLN A 294 -8.83 5.49 -16.84
CA GLN A 294 -9.70 6.65 -16.61
C GLN A 294 -9.75 6.96 -15.13
N ALA A 295 -9.94 5.91 -14.32
CA ALA A 295 -9.98 6.05 -12.87
C ALA A 295 -8.62 6.46 -12.32
N SER A 296 -7.54 5.95 -12.90
CA SER A 296 -6.23 6.34 -12.40
C SER A 296 -6.00 7.82 -12.57
N ILE A 297 -6.41 8.36 -13.72
CA ILE A 297 -6.21 9.78 -13.96
C ILE A 297 -7.05 10.59 -12.99
N LYS A 298 -8.29 10.18 -12.73
CA LYS A 298 -9.09 10.84 -11.71
C LYS A 298 -8.37 10.88 -10.36
N GLU A 299 -7.77 9.76 -9.94
CA GLU A 299 -7.03 9.77 -8.67
C GLU A 299 -5.88 10.76 -8.73
N TYR A 300 -5.11 10.74 -9.81
CA TYR A 300 -3.95 11.62 -9.92
C TYR A 300 -4.37 13.08 -9.88
N LYS A 301 -5.36 13.44 -10.69
CA LYS A 301 -5.79 14.83 -10.80
C LYS A 301 -6.40 15.34 -9.50
N THR A 302 -7.19 14.51 -8.83
CA THR A 302 -8.01 15.01 -7.75
C THR A 302 -7.57 14.59 -6.36
N VAL A 303 -6.53 13.77 -6.22
CA VAL A 303 -5.99 13.42 -4.89
C VAL A 303 -4.57 13.94 -4.71
N TRP A 304 -3.63 13.44 -5.54
CA TRP A 304 -2.21 13.60 -5.27
C TRP A 304 -1.67 14.94 -5.76
N THR A 305 -2.14 15.41 -6.92
CA THR A 305 -1.80 16.75 -7.45
C THR A 305 -2.94 17.74 -7.21
N ALA A 306 -3.22 18.01 -5.94
CA ALA A 306 -4.47 18.64 -5.55
C ALA A 306 -4.33 19.01 -4.08
N SER A 307 -4.76 20.22 -3.72
CA SER A 307 -4.56 20.65 -2.35
C SER A 307 -5.55 19.89 -1.45
N PRO A 308 -5.15 19.57 -0.21
CA PRO A 308 -3.97 20.03 0.52
C PRO A 308 -2.69 19.27 0.26
N ARG A 309 -2.78 18.13 -0.43
CA ARG A 309 -1.64 17.24 -0.52
C ARG A 309 -0.53 17.83 -1.37
N LEU A 310 -0.89 18.63 -2.36
CA LEU A 310 0.10 19.25 -3.23
C LEU A 310 0.74 20.49 -2.58
N ASP A 311 2.08 20.52 -2.54
CA ASP A 311 2.80 21.74 -2.20
C ASP A 311 2.95 22.61 -3.43
N PRO A 312 2.39 23.83 -3.46
CA PRO A 312 2.44 24.63 -4.70
C PRO A 312 3.83 25.14 -5.05
N GLU A 313 4.60 25.62 -4.05
CA GLU A 313 5.99 26.03 -4.25
C GLU A 313 6.84 25.07 -5.08
N THR A 314 7.10 23.87 -4.54
CA THR A 314 8.00 22.91 -5.18
C THR A 314 7.33 22.11 -6.28
N GLY A 315 6.01 21.96 -6.22
CA GLY A 315 5.30 21.18 -7.18
C GLY A 315 5.09 19.75 -6.77
N LEU A 316 5.71 19.31 -5.67
CA LEU A 316 5.66 17.93 -5.23
C LEU A 316 4.48 17.71 -4.30
N SER A 317 4.23 16.46 -3.91
CA SER A 317 3.08 16.16 -3.08
C SER A 317 3.49 15.52 -1.75
N ARG A 318 2.57 15.61 -0.79
CA ARG A 318 2.76 15.13 0.57
C ARG A 318 1.59 14.26 0.98
N TYR A 319 1.81 13.41 1.98
CA TYR A 319 0.74 12.63 2.58
C TYR A 319 0.08 13.51 3.62
N HIS A 320 -1.07 14.07 3.26
CA HIS A 320 -1.67 15.19 4.02
C HIS A 320 -3.18 15.08 3.93
N PRO A 321 -3.76 14.06 4.55
CA PRO A 321 -5.20 13.84 4.41
C PRO A 321 -6.03 14.70 5.35
N ASN A 322 -7.34 14.72 5.09
CA ASN A 322 -8.31 15.48 5.87
C ASN A 322 -8.61 14.77 7.17
N GLY A 323 -9.70 15.11 7.78
CA GLY A 323 -10.03 14.23 8.88
C GLY A 323 -9.92 14.96 10.19
N LEU A 324 -10.77 14.58 11.13
CA LEU A 324 -11.05 15.41 12.29
C LEU A 324 -10.83 14.65 13.58
N GLY A 325 -10.05 15.25 14.46
CA GLY A 325 -10.03 14.74 15.80
C GLY A 325 -9.34 13.39 15.88
N ILE A 326 -9.58 12.74 17.00
CA ILE A 326 -8.83 11.52 17.31
C ILE A 326 -9.32 10.40 16.42
N PRO A 327 -8.42 9.64 15.80
CA PRO A 327 -8.83 8.47 15.01
C PRO A 327 -9.50 7.45 15.91
N PRO A 328 -10.70 7.00 15.54
CA PRO A 328 -11.49 6.20 16.48
C PRO A 328 -10.94 4.81 16.72
N GLU A 329 -10.51 4.13 15.65
CA GLU A 329 -10.29 2.70 15.65
C GLU A 329 -9.02 2.28 16.36
N THR A 330 -8.23 3.24 16.83
CA THR A 330 -6.98 2.97 17.50
C THR A 330 -7.21 2.16 18.79
N GLU A 331 -6.12 1.61 19.34
CA GLU A 331 -6.13 1.18 20.74
C GLU A 331 -6.52 2.36 21.63
N SER A 332 -7.46 2.15 22.55
CA SER A 332 -8.05 3.27 23.26
C SER A 332 -7.03 4.05 24.07
N ASP A 333 -6.02 3.36 24.60
CA ASP A 333 -4.95 3.96 25.36
C ASP A 333 -3.88 4.61 24.48
N HIS A 334 -3.97 4.44 23.16
CA HIS A 334 -2.88 4.80 22.25
C HIS A 334 -2.38 6.21 22.53
N PHE A 335 -3.25 7.19 22.32
CA PHE A 335 -2.90 8.59 22.45
C PHE A 335 -2.98 9.09 23.89
N ASP A 336 -3.47 8.26 24.81
CA ASP A 336 -3.62 8.66 26.20
C ASP A 336 -2.39 9.38 26.73
N THR A 337 -1.20 9.02 26.28
CA THR A 337 -0.05 9.65 26.91
C THR A 337 0.22 11.03 26.31
N VAL A 338 -0.02 11.21 25.01
CA VAL A 338 0.16 12.54 24.39
C VAL A 338 -1.01 13.47 24.72
N LEU A 339 -2.20 12.92 24.98
CA LEU A 339 -3.38 13.69 25.34
C LEU A 339 -3.32 14.20 26.77
N LEU A 340 -2.93 13.34 27.71
CA LEU A 340 -2.88 13.68 29.14
C LEU A 340 -2.31 15.06 29.44
N PRO A 341 -1.17 15.48 28.88
CA PRO A 341 -0.67 16.83 29.18
C PRO A 341 -1.69 17.92 28.92
N TYR A 342 -2.28 17.94 27.72
CA TYR A 342 -3.26 18.96 27.36
C TYR A 342 -4.49 18.87 28.26
N ALA A 343 -5.02 17.65 28.43
CA ALA A 343 -6.18 17.47 29.30
C ALA A 343 -6.01 18.17 30.65
N SER A 344 -4.79 18.20 31.17
CA SER A 344 -4.52 18.84 32.45
C SER A 344 -4.23 20.32 32.30
N LYS A 345 -3.69 20.76 31.16
CA LYS A 345 -3.62 22.19 30.88
C LYS A 345 -5.02 22.80 30.82
N HIS A 346 -6.00 22.03 30.36
CA HIS A 346 -7.39 22.46 30.28
C HIS A 346 -8.22 21.97 31.46
N GLY A 347 -7.59 21.36 32.46
CA GLY A 347 -8.27 21.12 33.72
C GLY A 347 -9.46 20.18 33.71
N VAL A 348 -9.38 19.07 32.99
CA VAL A 348 -10.45 18.08 32.92
C VAL A 348 -9.84 16.68 32.93
N THR A 349 -10.69 15.64 32.96
CA THR A 349 -10.16 14.29 32.88
C THR A 349 -9.66 14.01 31.47
N LEU A 350 -9.09 12.82 31.28
CA LEU A 350 -8.68 12.44 29.94
C LEU A 350 -9.91 12.29 29.03
N ASP A 351 -10.95 11.61 29.52
CA ASP A 351 -12.15 11.39 28.72
C ASP A 351 -12.81 12.71 28.34
N GLU A 352 -13.03 13.58 29.32
CA GLU A 352 -13.65 14.84 28.98
C GLU A 352 -12.82 15.59 27.94
N PHE A 353 -11.50 15.63 28.12
CA PHE A 353 -10.70 16.36 27.13
C PHE A 353 -10.78 15.70 25.77
N LYS A 354 -10.96 14.38 25.73
CA LYS A 354 -11.16 13.70 24.45
C LYS A 354 -12.46 14.16 23.79
N GLN A 355 -13.57 14.07 24.52
CA GLN A 355 -14.88 14.45 23.97
C GLN A 355 -14.86 15.90 23.53
N LEU A 356 -14.34 16.78 24.38
CA LEU A 356 -14.26 18.21 24.07
C LEU A 356 -13.39 18.50 22.86
N TYR A 357 -12.43 17.63 22.57
CA TYR A 357 -11.63 17.82 21.37
C TYR A 357 -12.41 17.37 20.14
N ASN A 358 -13.00 16.17 20.21
CA ASN A 358 -13.78 15.66 19.09
C ASN A 358 -14.92 16.60 18.74
N ASP A 359 -15.53 17.22 19.76
CA ASP A 359 -16.57 18.21 19.56
C ASP A 359 -16.03 19.56 19.12
N GLY A 360 -14.74 19.67 18.83
CA GLY A 360 -14.17 20.91 18.30
C GLY A 360 -13.94 22.00 19.31
N LYS A 361 -14.31 21.78 20.57
CA LYS A 361 -14.26 22.81 21.59
C LYS A 361 -12.84 23.08 22.14
N ILE A 362 -11.77 22.59 21.51
CA ILE A 362 -10.42 22.91 22.00
C ILE A 362 -9.63 23.56 20.88
N LYS A 363 -9.21 24.79 21.13
CA LYS A 363 -8.23 25.48 20.29
C LYS A 363 -6.84 25.25 20.87
N GLU A 364 -6.37 24.01 20.74
CA GLU A 364 -4.97 23.68 21.01
C GLU A 364 -4.36 23.31 19.67
N PRO A 365 -3.75 24.25 18.95
CA PRO A 365 -3.49 24.02 17.53
C PRO A 365 -2.35 23.05 17.27
N LYS A 366 -1.36 22.96 18.15
CA LYS A 366 -0.27 22.01 17.91
C LYS A 366 -0.69 20.58 18.18
N LEU A 367 -1.71 20.39 19.03
CA LEU A 367 -2.37 19.10 19.10
C LEU A 367 -3.11 18.81 17.81
N ASP A 368 -3.79 19.81 17.24
CA ASP A 368 -4.42 19.66 15.93
C ASP A 368 -3.40 19.25 14.87
N GLU A 369 -2.13 19.64 15.06
CA GLU A 369 -1.07 19.39 14.10
C GLU A 369 -0.47 18.03 14.29
N PHE A 370 -0.25 17.66 15.56
CA PHE A 370 0.13 16.29 15.87
C PHE A 370 -0.77 15.31 15.12
N PHE A 371 -2.08 15.38 15.36
CA PHE A 371 -2.99 14.45 14.71
C PHE A 371 -3.01 14.60 13.20
N LEU A 372 -2.57 15.75 12.67
CA LEU A 372 -2.39 15.83 11.23
C LEU A 372 -1.33 14.84 10.77
N HIS A 373 -0.14 14.89 11.39
CA HIS A 373 0.94 13.99 10.99
C HIS A 373 0.61 12.53 11.27
N ASP A 374 -0.05 12.22 12.40
CA ASP A 374 -0.47 10.85 12.64
C ASP A 374 -1.36 10.34 11.51
N ARG A 375 -2.40 11.09 11.17
CA ARG A 375 -3.23 10.70 10.02
C ARG A 375 -2.39 10.65 8.76
N GLY A 376 -1.37 11.50 8.66
CA GLY A 376 -0.49 11.46 7.50
C GLY A 376 0.38 10.23 7.46
N VAL A 377 0.86 9.79 8.61
CA VAL A 377 1.61 8.54 8.70
C VAL A 377 0.76 7.37 8.27
N ARG A 378 -0.44 7.26 8.85
CA ARG A 378 -1.36 6.19 8.48
C ARG A 378 -1.61 6.13 6.98
N GLU A 379 -1.29 7.19 6.24
CA GLU A 379 -1.50 7.20 4.80
C GLU A 379 -0.29 6.73 4.04
N SER A 380 0.90 6.93 4.61
CA SER A 380 2.10 6.46 3.96
C SER A 380 2.22 4.95 4.03
N GLY A 381 1.53 4.31 4.97
CA GLY A 381 1.66 2.88 5.14
C GLY A 381 2.92 2.47 5.86
N HIS A 382 3.77 3.42 6.23
CA HIS A 382 4.94 3.18 7.07
C HIS A 382 4.57 3.56 8.50
N ASP A 383 3.79 2.71 9.15
CA ASP A 383 3.12 3.02 10.42
C ASP A 383 3.73 2.19 11.55
N THR A 384 4.68 2.77 12.32
CA THR A 384 5.23 4.12 12.10
C THR A 384 6.76 4.02 11.98
N THR A 385 7.42 5.19 11.92
CA THR A 385 8.86 5.29 11.79
C THR A 385 9.31 6.67 12.23
N TYR A 386 10.57 6.76 12.69
CA TYR A 386 11.11 8.05 13.05
C TYR A 386 11.42 8.91 11.84
N ARG A 387 11.27 8.37 10.64
CA ARG A 387 11.37 9.23 9.48
C ARG A 387 10.20 10.19 9.44
N PHE A 388 9.08 9.80 10.03
CA PHE A 388 7.83 10.54 9.91
C PHE A 388 7.26 11.03 11.23
N GLU A 389 7.88 10.71 12.36
CA GLU A 389 7.31 11.18 13.62
C GLU A 389 7.17 12.70 13.64
N GLY A 390 5.93 13.16 13.66
CA GLY A 390 5.65 14.57 13.74
C GLY A 390 6.10 15.41 12.55
N VAL A 391 6.48 14.78 11.44
CA VAL A 391 6.95 15.60 10.33
C VAL A 391 6.29 15.16 9.04
N CYS A 392 5.56 14.04 9.09
CA CYS A 392 5.16 13.34 7.88
C CYS A 392 4.35 14.22 6.95
N ALA A 393 3.39 14.96 7.50
CA ALA A 393 2.45 15.70 6.67
C ALA A 393 3.10 16.86 5.95
N TYR A 394 4.28 17.28 6.39
CA TYR A 394 5.01 18.34 5.68
C TYR A 394 6.07 17.79 4.74
N LEU A 395 6.25 16.46 4.65
CA LEU A 395 7.32 15.87 3.85
C LEU A 395 6.82 15.49 2.47
N ALA A 396 7.47 16.02 1.43
CA ALA A 396 7.30 15.49 0.09
C ALA A 396 8.35 14.40 -0.08
N THR A 397 7.94 13.16 0.16
CA THR A 397 8.84 12.02 0.22
C THR A 397 9.23 11.54 -1.17
N ILE A 398 10.41 10.90 -1.23
CA ILE A 398 10.78 10.21 -2.45
C ILE A 398 9.81 9.07 -2.70
N ASP A 399 9.04 8.70 -1.67
CA ASP A 399 8.15 7.54 -1.74
C ASP A 399 7.01 7.84 -2.69
N LEU A 400 6.25 8.88 -2.35
CA LEU A 400 5.07 9.28 -3.09
C LEU A 400 5.43 9.88 -4.42
N ASN A 401 6.49 10.67 -4.46
CA ASN A 401 6.78 11.33 -5.71
C ASN A 401 7.44 10.38 -6.70
N SER A 402 7.99 9.26 -6.25
CA SER A 402 8.43 8.25 -7.20
C SER A 402 7.22 7.53 -7.79
N LEU A 403 6.22 7.24 -6.95
CA LEU A 403 5.01 6.59 -7.45
C LEU A 403 4.29 7.47 -8.46
N LEU A 404 4.25 8.78 -8.23
CA LEU A 404 3.54 9.68 -9.14
C LEU A 404 4.23 9.76 -10.49
N TYR A 405 5.56 9.85 -10.48
CA TYR A 405 6.32 9.74 -11.72
C TYR A 405 5.87 8.52 -12.51
N LYS A 406 5.77 7.37 -11.85
CA LYS A 406 5.27 6.18 -12.54
C LYS A 406 3.89 6.41 -13.12
N TYR A 407 3.00 7.06 -12.35
CA TYR A 407 1.67 7.35 -12.87
C TYR A 407 1.76 8.21 -14.13
N GLU A 408 2.66 9.19 -14.14
CA GLU A 408 2.72 10.11 -15.27
C GLU A 408 3.19 9.40 -16.54
N ILE A 409 4.11 8.45 -16.40
CA ILE A 409 4.62 7.75 -17.57
C ILE A 409 3.63 6.70 -18.05
N ASP A 410 3.04 5.96 -17.12
CA ASP A 410 2.07 4.95 -17.52
C ASP A 410 0.87 5.58 -18.21
N ILE A 411 0.56 6.83 -17.88
CA ILE A 411 -0.61 7.49 -18.41
C ILE A 411 -0.35 8.00 -19.82
N ALA A 412 0.79 8.68 -20.02
CA ALA A 412 1.21 9.03 -21.37
C ALA A 412 1.11 7.82 -22.31
N ASP A 413 1.61 6.67 -21.86
CA ASP A 413 1.52 5.43 -22.64
C ASP A 413 0.08 5.09 -23.00
N PHE A 414 -0.82 5.13 -22.02
CA PHE A 414 -2.19 4.70 -22.27
C PHE A 414 -2.85 5.57 -23.32
N ILE A 415 -2.53 6.86 -23.31
CA ILE A 415 -3.18 7.82 -24.20
C ILE A 415 -2.67 7.66 -25.63
N LYS A 416 -1.33 7.71 -25.81
CA LYS A 416 -0.74 7.52 -27.14
C LYS A 416 -1.09 6.17 -27.75
N GLU A 417 -1.54 5.20 -26.96
CA GLU A 417 -1.79 3.85 -27.44
C GLU A 417 -3.26 3.47 -27.58
N PHE A 418 -4.15 3.98 -26.71
CA PHE A 418 -5.54 3.56 -26.71
C PHE A 418 -6.55 4.68 -26.91
N CYS A 419 -6.10 5.94 -26.88
CA CYS A 419 -6.94 7.14 -26.97
C CYS A 419 -6.57 8.01 -28.15
N ASP A 420 -5.81 7.47 -29.11
CA ASP A 420 -5.35 8.21 -30.29
C ASP A 420 -4.67 9.53 -29.92
N ASP A 421 -4.12 9.58 -28.73
CA ASP A 421 -3.30 10.67 -28.20
C ASP A 421 -4.14 11.87 -27.77
N LYS A 422 -5.45 11.72 -27.71
CA LYS A 422 -6.35 12.78 -27.26
C LYS A 422 -7.19 12.20 -26.12
N TYR A 423 -6.86 12.53 -24.87
CA TYR A 423 -7.72 12.18 -23.75
C TYR A 423 -8.35 13.46 -23.22
N GLU A 424 -9.67 13.50 -23.28
CA GLU A 424 -10.45 14.55 -22.68
C GLU A 424 -11.18 13.99 -21.46
N ASP A 425 -10.94 14.61 -20.32
CA ASP A 425 -11.45 14.12 -19.05
C ASP A 425 -12.96 14.33 -18.98
N PRO A 426 -13.76 13.27 -18.87
CA PRO A 426 -15.22 13.45 -18.84
C PRO A 426 -15.73 14.30 -17.68
N LEU A 427 -14.92 14.49 -16.63
CA LEU A 427 -15.40 15.29 -15.52
C LEU A 427 -15.26 16.78 -15.79
N ASP A 428 -14.12 17.22 -16.34
CA ASP A 428 -13.87 18.65 -16.53
C ASP A 428 -13.46 19.03 -17.94
N HIS A 429 -13.70 18.15 -18.92
CA HIS A 429 -13.44 18.42 -20.34
C HIS A 429 -12.02 18.93 -20.58
N SER A 430 -11.05 18.31 -19.91
CA SER A 430 -9.66 18.73 -19.98
C SER A 430 -8.97 17.90 -21.05
N ILE A 431 -8.40 18.57 -22.05
CA ILE A 431 -7.76 17.90 -23.17
C ILE A 431 -6.26 17.86 -22.92
N THR A 432 -5.71 16.64 -22.81
CA THR A 432 -4.30 16.37 -22.59
C THR A 432 -3.77 15.45 -23.68
N THR A 433 -2.55 15.74 -24.17
CA THR A 433 -1.84 14.80 -25.03
C THR A 433 -0.79 14.02 -24.24
N SER A 434 -0.39 12.88 -24.80
CA SER A 434 0.62 12.07 -24.12
C SER A 434 1.96 12.80 -24.06
N ALA A 435 2.27 13.62 -25.07
CA ALA A 435 3.43 14.49 -24.96
C ALA A 435 3.36 15.34 -23.70
N MET A 436 2.18 15.88 -23.40
CA MET A 436 1.98 16.74 -22.23
C MET A 436 2.26 15.99 -20.94
N TRP A 437 1.75 14.76 -20.83
CA TRP A 437 1.98 13.95 -19.64
C TRP A 437 3.46 13.68 -19.45
N LYS A 438 4.14 13.18 -20.50
CA LYS A 438 5.58 13.05 -20.45
C LYS A 438 6.24 14.32 -19.93
N GLU A 439 5.78 15.48 -20.42
CA GLU A 439 6.38 16.73 -19.96
C GLU A 439 6.15 16.91 -18.46
N MET A 440 5.00 16.46 -17.95
CA MET A 440 4.76 16.53 -16.52
C MET A 440 5.80 15.74 -15.75
N ALA A 441 6.09 14.53 -16.25
CA ALA A 441 7.06 13.65 -15.63
C ALA A 441 8.48 14.24 -15.70
N LYS A 442 8.83 14.85 -16.84
CA LYS A 442 10.15 15.44 -16.96
C LYS A 442 10.41 16.44 -15.84
N ILE A 443 9.43 17.25 -15.49
CA ILE A 443 9.70 18.29 -14.51
C ILE A 443 9.70 17.69 -13.11
N ARG A 444 8.85 16.68 -12.87
CA ARG A 444 8.90 15.94 -11.61
C ARG A 444 10.31 15.47 -11.36
N GLN A 445 10.87 14.78 -12.36
CA GLN A 445 12.25 14.29 -12.32
C GLN A 445 13.22 15.39 -11.91
N GLU A 446 13.19 16.53 -12.60
CA GLU A 446 14.10 17.63 -12.29
C GLU A 446 13.88 18.16 -10.88
N LYS A 447 12.60 18.26 -10.49
CA LYS A 447 12.28 18.75 -9.14
C LYS A 447 12.79 17.78 -8.09
N ILE A 448 12.51 16.48 -8.29
CA ILE A 448 12.96 15.46 -7.33
C ILE A 448 14.47 15.45 -7.23
N THR A 449 15.15 15.50 -8.38
CA THR A 449 16.61 15.61 -8.36
C THR A 449 17.04 16.87 -7.63
N LYS A 450 16.28 17.97 -7.81
CA LYS A 450 16.60 19.23 -7.18
C LYS A 450 16.53 19.14 -5.66
N TYR A 451 15.34 18.91 -5.12
CA TYR A 451 15.18 19.02 -3.68
C TYR A 451 15.69 17.79 -2.93
N MET A 452 15.83 16.64 -3.60
CA MET A 452 16.01 15.39 -2.88
C MET A 452 17.35 14.72 -3.11
N TRP A 453 17.93 14.81 -4.31
CA TRP A 453 19.13 14.03 -4.63
C TRP A 453 20.37 14.55 -3.92
N ASP A 454 21.24 13.62 -3.58
CA ASP A 454 22.48 13.89 -2.82
C ASP A 454 23.58 13.08 -3.49
N ASP A 455 24.28 13.70 -4.44
CA ASP A 455 25.33 13.04 -5.20
C ASP A 455 26.52 12.63 -4.34
N GLU A 456 26.61 13.07 -3.09
CA GLU A 456 27.68 12.55 -2.25
C GLU A 456 27.32 11.19 -1.67
N SER A 457 26.29 11.13 -0.80
CA SER A 457 26.03 9.91 -0.05
C SER A 457 25.26 8.86 -0.82
N GLY A 458 24.69 9.21 -1.98
CA GLY A 458 24.06 8.24 -2.86
C GLY A 458 22.55 8.13 -2.77
N PHE A 459 21.89 8.86 -1.87
CA PHE A 459 20.47 8.70 -1.55
C PHE A 459 19.61 9.78 -2.19
N PHE A 460 18.30 9.55 -2.13
CA PHE A 460 17.26 10.52 -2.47
C PHE A 460 16.56 10.85 -1.16
N PHE A 461 16.98 11.89 -0.45
CA PHE A 461 16.32 12.19 0.81
C PHE A 461 14.97 12.89 0.61
N ASP A 462 14.09 12.76 1.59
CA ASP A 462 12.84 13.50 1.55
C ASP A 462 13.09 14.99 1.78
N TYR A 463 12.22 15.82 1.20
CA TYR A 463 12.30 17.27 1.34
C TYR A 463 11.15 17.78 2.20
N ASN A 464 11.49 18.55 3.23
CA ASN A 464 10.52 19.21 4.08
C ASN A 464 10.03 20.50 3.42
N THR A 465 8.71 20.72 3.41
CA THR A 465 8.17 21.85 2.67
C THR A 465 7.71 23.00 3.54
N LYS A 466 7.57 22.81 4.86
CA LYS A 466 7.37 23.95 5.76
C LYS A 466 8.74 24.51 6.19
N ILE A 467 9.59 23.68 6.82
CA ILE A 467 10.94 24.12 7.16
C ILE A 467 11.80 24.38 5.93
N LYS A 468 11.29 24.04 4.73
CA LYS A 468 11.97 24.23 3.44
C LYS A 468 13.43 23.75 3.48
N HIS A 469 13.59 22.44 3.69
CA HIS A 469 14.92 21.89 3.90
C HIS A 469 14.90 20.37 3.76
N ARG A 470 16.01 19.82 3.26
CA ARG A 470 16.11 18.38 3.04
C ARG A 470 16.42 17.62 4.34
N THR A 471 16.18 16.31 4.33
CA THR A 471 16.35 15.42 5.48
C THR A 471 17.71 14.73 5.44
N SER A 472 18.13 14.21 6.60
CA SER A 472 19.33 13.41 6.72
C SER A 472 19.04 11.92 6.83
N TYR A 473 17.81 11.51 6.52
CA TYR A 473 17.31 10.17 6.81
C TYR A 473 17.49 9.26 5.61
N GLU A 474 18.31 8.23 5.77
CA GLU A 474 18.58 7.27 4.70
C GLU A 474 17.52 6.17 4.72
N SER A 475 16.63 6.18 3.73
CA SER A 475 15.49 5.28 3.68
C SER A 475 15.67 4.24 2.60
N ALA A 476 15.18 3.04 2.87
CA ALA A 476 15.18 1.99 1.86
C ALA A 476 14.35 2.37 0.66
N THR A 477 13.47 3.35 0.83
CA THR A 477 12.59 3.74 -0.25
C THR A 477 13.32 4.51 -1.35
N THR A 478 14.55 4.95 -1.10
CA THR A 478 15.32 5.61 -2.15
C THR A 478 15.30 4.78 -3.43
N PHE A 479 15.15 3.46 -3.32
CA PHE A 479 15.14 2.62 -4.50
C PHE A 479 13.86 2.72 -5.29
N TRP A 480 12.81 3.31 -4.73
CA TRP A 480 11.59 3.46 -5.52
C TRP A 480 11.85 4.32 -6.74
N ALA A 481 12.87 5.19 -6.66
CA ALA A 481 13.26 5.98 -7.82
C ALA A 481 13.59 5.08 -9.00
N LEU A 482 14.23 3.94 -8.73
CA LEU A 482 14.55 3.02 -9.80
C LEU A 482 13.32 2.23 -10.22
N TRP A 483 12.52 1.77 -9.26
CA TRP A 483 11.30 1.06 -9.60
C TRP A 483 10.49 1.86 -10.60
N ALA A 484 10.35 3.16 -10.33
CA ALA A 484 9.57 4.07 -11.15
C ALA A 484 10.30 4.47 -12.42
N GLY A 485 11.61 4.58 -12.37
CA GLY A 485 12.40 4.85 -13.55
C GLY A 485 12.73 6.30 -13.76
N LEU A 486 12.74 7.08 -12.70
CA LEU A 486 13.03 8.50 -12.83
C LEU A 486 14.49 8.83 -12.57
N ALA A 487 15.24 7.90 -12.01
CA ALA A 487 16.63 8.20 -11.75
C ALA A 487 17.44 8.00 -13.03
N THR A 488 18.52 8.76 -13.15
CA THR A 488 19.38 8.60 -14.30
C THR A 488 20.29 7.38 -14.14
N LYS A 489 20.80 6.88 -15.27
CA LYS A 489 21.80 5.83 -15.22
C LYS A 489 22.92 6.25 -14.29
N GLU A 490 23.34 7.51 -14.36
CA GLU A 490 24.43 7.97 -13.51
C GLU A 490 24.04 7.95 -12.04
N GLN A 491 22.79 8.36 -11.74
CA GLN A 491 22.32 8.43 -10.36
C GLN A 491 22.24 7.05 -9.72
N ALA A 492 21.76 6.06 -10.47
CA ALA A 492 21.61 4.72 -9.92
C ALA A 492 22.96 4.16 -9.56
N GLN A 493 23.94 4.24 -10.48
CA GLN A 493 25.28 3.76 -10.20
C GLN A 493 25.81 4.37 -8.90
N LYS A 494 25.53 5.64 -8.66
CA LYS A 494 25.98 6.25 -7.41
C LYS A 494 25.25 5.66 -6.21
N MET A 495 23.98 5.25 -6.40
CA MET A 495 23.14 4.76 -5.31
C MET A 495 23.51 3.33 -4.94
N VAL A 496 23.65 2.46 -5.96
CA VAL A 496 24.14 1.11 -5.73
C VAL A 496 25.46 1.13 -4.98
N GLU A 497 26.39 1.97 -5.44
CA GLU A 497 27.74 1.95 -4.89
C GLU A 497 27.81 2.54 -3.49
N LYS A 498 27.12 3.65 -3.24
CA LYS A 498 27.31 4.35 -1.98
C LYS A 498 26.18 4.14 -0.98
N ALA A 499 24.95 3.92 -1.45
CA ALA A 499 23.81 3.88 -0.55
C ALA A 499 23.37 2.45 -0.23
N LEU A 500 23.31 1.58 -1.23
CA LEU A 500 22.98 0.18 -0.98
C LEU A 500 23.85 -0.47 0.10
N PRO A 501 25.13 -0.15 0.24
CA PRO A 501 25.88 -0.75 1.36
C PRO A 501 25.46 -0.24 2.73
N LYS A 502 24.93 0.98 2.85
CA LYS A 502 24.50 1.43 4.17
C LYS A 502 23.23 0.72 4.62
N LEU A 503 22.57 0.00 3.72
CA LEU A 503 21.27 -0.61 3.97
C LEU A 503 21.26 -2.12 3.89
N GLU A 504 22.27 -2.75 3.30
CA GLU A 504 22.23 -4.19 3.04
C GLU A 504 22.73 -4.91 4.27
N MET A 505 21.81 -5.45 5.06
CA MET A 505 22.13 -6.24 6.23
C MET A 505 22.07 -7.71 5.86
N LEU A 506 22.16 -8.59 6.88
CA LEU A 506 22.32 -10.02 6.65
C LEU A 506 21.25 -10.58 5.73
N GLY A 507 20.00 -10.31 6.05
CA GLY A 507 18.89 -10.84 5.28
C GLY A 507 18.18 -9.83 4.39
N GLY A 508 18.91 -8.84 3.90
CA GLY A 508 18.29 -7.93 2.95
C GLY A 508 18.40 -6.47 3.34
N LEU A 509 17.45 -5.66 2.88
CA LEU A 509 17.48 -4.21 3.07
C LEU A 509 16.73 -3.84 4.33
N ALA A 510 17.43 -3.30 5.30
CA ALA A 510 16.72 -2.66 6.40
C ALA A 510 15.97 -1.44 5.90
N ALA A 511 14.87 -1.10 6.58
CA ALA A 511 14.08 0.05 6.17
C ALA A 511 14.87 1.37 6.22
N CYS A 512 15.90 1.45 7.05
CA CYS A 512 16.69 2.69 7.15
C CYS A 512 17.99 2.37 7.86
N THR A 513 19.02 3.16 7.59
CA THR A 513 20.32 2.94 8.21
C THR A 513 20.23 3.08 9.74
N GLU A 514 21.25 2.56 10.41
CA GLU A 514 21.26 2.62 11.87
C GLU A 514 21.41 4.05 12.36
N ARG A 515 22.25 4.83 11.67
CA ARG A 515 22.39 6.25 11.92
C ARG A 515 21.01 6.90 12.01
N SER A 516 20.23 6.79 10.94
CA SER A 516 19.04 7.60 10.79
C SER A 516 17.94 7.22 11.78
N ARG A 517 17.87 5.95 12.18
CA ARG A 517 16.91 5.59 13.21
C ARG A 517 17.19 6.35 14.50
N GLY A 518 18.47 6.58 14.79
CA GLY A 518 18.87 7.14 16.05
C GLY A 518 19.20 6.09 17.09
N PRO A 519 19.13 6.46 18.38
CA PRO A 519 19.20 5.46 19.46
C PRO A 519 17.81 5.04 19.94
N ILE A 520 17.72 3.92 20.65
CA ILE A 520 16.48 3.49 21.29
C ILE A 520 16.60 3.75 22.78
N SER A 521 15.48 4.09 23.41
CA SER A 521 15.44 4.22 24.86
C SER A 521 14.08 3.75 25.35
N ARG A 524 12.13 6.26 24.03
CA ARG A 524 12.21 6.20 22.56
C ARG A 524 12.07 4.74 22.13
N PRO A 525 10.86 4.17 22.19
CA PRO A 525 10.69 2.76 21.81
C PRO A 525 11.05 2.54 20.34
N ILE A 526 11.15 1.28 19.93
CA ILE A 526 11.50 0.98 18.56
C ILE A 526 10.24 1.00 17.69
N ARG A 527 10.36 1.62 16.52
CA ARG A 527 9.26 1.71 15.57
C ARG A 527 9.41 0.62 14.53
N GLN A 528 8.29 0.08 14.07
CA GLN A 528 8.40 -1.18 13.35
C GLN A 528 8.88 -1.01 11.92
N TRP A 529 8.87 0.19 11.38
CA TRP A 529 9.39 0.45 10.03
C TRP A 529 10.78 1.06 10.09
N ASP A 530 11.57 0.69 11.09
CA ASP A 530 12.91 1.23 11.26
C ASP A 530 13.91 0.11 11.43
N TYR A 531 15.19 0.41 11.17
CA TYR A 531 16.28 -0.48 11.53
C TYR A 531 16.04 -1.09 12.91
N PRO A 532 16.17 -2.40 13.05
CA PRO A 532 16.69 -3.42 12.15
C PRO A 532 15.65 -4.16 11.30
N PHE A 533 14.47 -3.61 11.09
CA PHE A 533 13.45 -4.36 10.39
C PHE A 533 13.60 -4.21 8.90
N GLY A 534 13.17 -5.24 8.17
CA GLY A 534 13.09 -5.17 6.74
C GLY A 534 11.74 -5.68 6.30
N TRP A 535 11.24 -5.11 5.22
CA TRP A 535 9.83 -5.30 4.92
C TRP A 535 9.67 -5.84 3.51
N ALA A 536 8.69 -6.73 3.34
CA ALA A 536 8.42 -7.32 2.03
C ALA A 536 8.31 -6.28 0.94
N PRO A 537 7.52 -5.20 1.08
CA PRO A 537 7.36 -4.28 -0.06
C PRO A 537 8.66 -3.63 -0.47
N HIS A 538 9.46 -3.19 0.51
CA HIS A 538 10.77 -2.62 0.18
C HIS A 538 11.61 -3.58 -0.64
N GLN A 539 11.67 -4.84 -0.22
CA GLN A 539 12.42 -5.82 -0.99
C GLN A 539 11.88 -5.92 -2.42
N ILE A 540 10.57 -6.14 -2.57
CA ILE A 540 9.99 -6.42 -3.89
C ILE A 540 10.22 -5.26 -4.84
N LEU A 541 10.13 -4.02 -4.36
CA LEU A 541 10.32 -2.89 -5.25
C LEU A 541 11.78 -2.71 -5.62
N ALA A 542 12.70 -2.85 -4.65
CA ALA A 542 14.12 -2.75 -4.97
C ALA A 542 14.56 -3.83 -5.95
N TRP A 543 14.00 -5.04 -5.83
CA TRP A 543 14.38 -6.07 -6.78
C TRP A 543 14.06 -5.60 -8.19
N GLU A 544 12.78 -5.32 -8.44
CA GLU A 544 12.39 -4.91 -9.78
C GLU A 544 13.07 -3.62 -10.22
N GLY A 545 13.41 -2.75 -9.28
CA GLY A 545 14.00 -1.50 -9.64
C GLY A 545 15.43 -1.64 -10.07
N LEU A 546 16.20 -2.44 -9.32
CA LEU A 546 17.57 -2.78 -9.71
C LEU A 546 17.59 -3.52 -11.05
N ARG A 547 16.80 -4.58 -11.16
CA ARG A 547 16.71 -5.32 -12.41
C ARG A 547 16.29 -4.43 -13.58
N SER A 548 15.63 -3.30 -13.33
CA SER A 548 15.24 -2.36 -14.39
C SER A 548 16.43 -1.55 -14.90
N TYR A 549 17.27 -1.05 -14.00
CA TYR A 549 18.46 -0.29 -14.36
C TYR A 549 19.64 -1.16 -14.71
N GLY A 550 19.44 -2.48 -14.80
CA GLY A 550 20.44 -3.41 -15.26
C GLY A 550 21.29 -4.09 -14.21
N TYR A 551 20.94 -3.95 -12.93
CA TYR A 551 21.69 -4.48 -11.81
C TYR A 551 21.11 -5.80 -11.32
N LEU A 552 20.64 -6.68 -12.22
CA LEU A 552 20.04 -7.95 -11.80
C LEU A 552 21.01 -8.82 -11.00
N THR A 553 22.31 -8.73 -11.28
CA THR A 553 23.29 -9.41 -10.44
C THR A 553 23.15 -8.97 -8.97
N VAL A 554 22.72 -7.73 -8.72
CA VAL A 554 22.57 -7.25 -7.35
C VAL A 554 21.23 -7.72 -6.78
N THR A 555 20.21 -7.80 -7.62
CA THR A 555 18.95 -8.38 -7.18
C THR A 555 19.18 -9.78 -6.66
N ASN A 556 19.89 -10.61 -7.44
CA ASN A 556 20.08 -12.01 -7.09
C ASN A 556 20.69 -12.16 -5.70
N ARG A 557 21.68 -11.31 -5.38
CA ARG A 557 22.28 -11.38 -4.05
C ARG A 557 21.29 -10.98 -2.99
N LEU A 558 20.57 -9.87 -3.20
CA LEU A 558 19.58 -9.42 -2.24
C LEU A 558 18.45 -10.43 -2.11
N ALA A 559 17.97 -10.96 -3.24
CA ALA A 559 16.88 -11.94 -3.17
C ALA A 559 17.29 -13.20 -2.43
N TYR A 560 18.58 -13.60 -2.51
CA TYR A 560 19.01 -14.74 -1.70
C TYR A 560 18.89 -14.42 -0.21
N ARG A 561 19.57 -13.36 0.25
CA ARG A 561 19.54 -13.04 1.68
C ARG A 561 18.12 -13.00 2.24
N TRP A 562 17.14 -12.58 1.43
CA TRP A 562 15.76 -12.56 1.91
C TRP A 562 15.20 -13.97 1.97
N LEU A 563 15.15 -14.65 0.82
CA LEU A 563 14.60 -16.00 0.76
C LEU A 563 15.24 -16.90 1.80
N PHE A 564 16.55 -16.76 2.02
CA PHE A 564 17.19 -17.58 3.03
C PHE A 564 16.59 -17.33 4.39
N MET A 565 16.63 -16.08 4.82
CA MET A 565 16.17 -15.74 6.16
C MET A 565 14.70 -16.09 6.37
N MET A 566 13.88 -16.01 5.32
CA MET A 566 12.50 -16.47 5.44
C MET A 566 12.42 -17.99 5.59
N THR A 567 13.30 -18.72 4.87
CA THR A 567 13.28 -20.18 4.96
C THR A 567 13.73 -20.65 6.33
N LYS A 568 14.88 -20.16 6.81
CA LYS A 568 15.38 -20.65 8.10
C LYS A 568 14.37 -20.39 9.20
N ALA A 569 13.53 -19.35 9.05
CA ALA A 569 12.48 -19.11 10.02
C ALA A 569 11.35 -20.12 9.90
N PHE A 570 10.89 -20.40 8.68
CA PHE A 570 9.83 -21.38 8.49
C PHE A 570 10.25 -22.76 9.01
N VAL A 571 11.55 -23.04 8.97
CA VAL A 571 12.08 -24.29 9.50
C VAL A 571 12.17 -24.26 11.02
N ASP A 572 12.94 -23.31 11.56
CA ASP A 572 13.09 -23.18 13.01
C ASP A 572 11.81 -22.86 13.74
N TYR A 573 11.16 -21.78 13.34
CA TYR A 573 9.92 -21.37 13.99
C TYR A 573 8.81 -22.39 13.76
N ASN A 574 9.16 -23.52 13.16
CA ASN A 574 8.29 -24.69 13.15
C ASN A 574 7.04 -24.41 12.33
N GLY A 575 7.27 -24.06 11.07
CA GLY A 575 6.19 -23.88 10.10
C GLY A 575 5.39 -22.59 10.20
N ILE A 576 6.03 -21.46 10.48
CA ILE A 576 5.30 -20.23 10.74
C ILE A 576 5.90 -19.10 9.90
N VAL A 577 5.03 -18.24 9.38
CA VAL A 577 5.42 -17.07 8.62
C VAL A 577 5.09 -15.84 9.44
N VAL A 578 5.92 -14.81 9.30
CA VAL A 578 5.92 -13.65 10.21
C VAL A 578 5.76 -12.35 9.43
N GLU A 579 5.14 -11.34 10.07
CA GLU A 579 4.85 -10.10 9.34
C GLU A 579 6.11 -9.37 8.94
N LYS A 580 6.95 -9.05 9.91
CA LYS A 580 8.17 -8.34 9.64
C LYS A 580 9.30 -9.24 10.06
N TYR A 581 10.47 -9.01 9.48
CA TYR A 581 11.66 -9.79 9.74
C TYR A 581 12.80 -8.86 10.17
N ASP A 582 13.60 -9.34 11.11
CA ASP A 582 14.83 -8.67 11.48
C ASP A 582 15.91 -9.13 10.52
N VAL A 583 16.42 -8.22 9.71
CA VAL A 583 17.38 -8.65 8.69
C VAL A 583 18.78 -8.61 9.26
N THR A 584 18.91 -8.39 10.58
CA THR A 584 20.22 -8.41 11.20
C THR A 584 20.55 -9.69 11.98
N ARG A 585 19.59 -10.42 12.56
CA ARG A 585 19.92 -11.69 13.25
C ARG A 585 18.66 -12.53 13.47
N GLY A 586 18.81 -13.86 13.53
CA GLY A 586 17.61 -14.70 13.64
C GLY A 586 17.48 -15.78 14.72
N THR A 587 16.35 -15.84 15.44
CA THR A 587 16.11 -16.87 16.48
C THR A 587 15.65 -18.19 15.84
N THR A 608 -1.03 -18.85 10.70
CA THR A 608 -1.16 -20.19 10.07
C THR A 608 -1.81 -20.04 8.70
N GLU A 609 -1.92 -18.78 8.29
CA GLU A 609 -2.51 -18.37 7.01
C GLU A 609 -1.52 -17.67 6.10
N GLY A 610 -0.26 -17.49 6.51
CA GLY A 610 0.65 -16.63 5.82
C GLY A 610 0.36 -15.17 6.13
N PHE A 611 1.10 -14.29 5.46
CA PHE A 611 0.87 -12.84 5.50
C PHE A 611 1.04 -12.28 4.07
N GLY A 612 -0.04 -11.70 3.56
CA GLY A 612 -0.19 -11.30 2.17
C GLY A 612 1.04 -11.02 1.32
N TRP A 613 1.72 -9.93 1.62
CA TRP A 613 2.84 -9.54 0.79
C TRP A 613 4.14 -10.20 1.20
N VAL A 614 4.20 -10.78 2.41
CA VAL A 614 5.30 -11.66 2.77
C VAL A 614 5.25 -12.92 1.91
N ASN A 615 4.16 -13.67 2.02
CA ASN A 615 3.88 -14.76 1.10
C ASN A 615 4.30 -14.37 -0.32
N ALA A 616 3.73 -13.28 -0.84
CA ALA A 616 4.03 -12.91 -2.22
C ALA A 616 5.49 -12.55 -2.41
N SER A 617 6.15 -12.06 -1.37
CA SER A 617 7.56 -11.75 -1.52
C SER A 617 8.36 -13.02 -1.82
N TYR A 618 7.92 -14.15 -1.28
CA TYR A 618 8.67 -15.40 -1.44
C TYR A 618 8.62 -15.91 -2.87
N ILE A 619 7.41 -16.06 -3.42
CA ILE A 619 7.23 -16.55 -4.77
C ILE A 619 7.98 -15.68 -5.77
N LEU A 620 8.00 -14.37 -5.53
CA LEU A 620 8.59 -13.45 -6.50
C LEU A 620 10.10 -13.42 -6.43
N GLY A 621 10.67 -13.71 -5.25
CA GLY A 621 12.11 -13.83 -5.14
C GLY A 621 12.62 -15.14 -5.69
N LEU A 622 11.84 -16.22 -5.52
CA LEU A 622 12.18 -17.49 -6.15
C LEU A 622 12.23 -17.38 -7.67
N LYS A 623 11.42 -16.49 -8.28
CA LYS A 623 11.60 -16.22 -9.71
C LYS A 623 13.07 -15.95 -10.03
N TYR A 624 13.81 -15.37 -9.09
CA TYR A 624 15.15 -14.88 -9.34
C TYR A 624 16.25 -15.89 -9.03
N MET A 625 15.94 -17.16 -8.74
CA MET A 625 16.91 -18.14 -8.23
C MET A 625 17.07 -19.33 -9.17
N ASN A 626 18.32 -19.79 -9.35
CA ASN A 626 18.52 -20.94 -10.20
C ASN A 626 18.39 -22.23 -9.39
N SER A 627 18.61 -23.38 -10.06
CA SER A 627 18.54 -24.68 -9.38
C SER A 627 19.55 -24.79 -8.25
N HIS A 628 20.80 -24.39 -8.50
CA HIS A 628 21.82 -24.48 -7.45
C HIS A 628 21.39 -23.73 -6.20
N ALA A 629 20.92 -22.48 -6.38
CA ALA A 629 20.53 -21.63 -5.27
C ALA A 629 19.38 -22.23 -4.48
N ARG A 630 18.33 -22.72 -5.17
CA ARG A 630 17.25 -23.36 -4.44
C ARG A 630 17.75 -24.49 -3.56
N ARG A 631 18.71 -25.28 -4.07
CA ARG A 631 19.26 -26.41 -3.32
C ARG A 631 20.00 -25.92 -2.07
N ALA A 632 20.81 -24.86 -2.22
CA ALA A 632 21.46 -24.24 -1.06
C ALA A 632 20.44 -23.66 -0.08
N LEU A 633 19.30 -23.19 -0.59
CA LEU A 633 18.27 -22.68 0.30
C LEU A 633 17.62 -23.82 1.07
N GLY A 634 17.21 -24.90 0.38
CA GLY A 634 16.71 -26.08 1.07
C GLY A 634 17.60 -26.52 2.21
N ALA A 635 18.92 -26.42 2.03
CA ALA A 635 19.90 -26.79 3.06
C ALA A 635 20.08 -25.74 4.15
N CYS A 636 19.39 -24.60 4.07
CA CYS A 636 19.55 -23.47 5.00
C CYS A 636 21.01 -23.03 5.15
N ILE A 637 21.66 -22.76 4.03
CA ILE A 637 23.04 -22.28 4.04
C ILE A 637 23.02 -20.76 4.06
N PRO A 638 23.54 -20.12 5.12
CA PRO A 638 23.52 -18.65 5.21
C PRO A 638 24.25 -18.01 4.04
N PRO A 639 23.97 -16.73 3.75
CA PRO A 639 24.47 -16.17 2.49
C PRO A 639 25.97 -16.14 2.41
N ILE A 640 26.66 -15.88 3.52
CA ILE A 640 28.11 -15.79 3.41
C ILE A 640 28.70 -17.16 3.06
N SER A 641 28.26 -18.22 3.76
CA SER A 641 28.74 -19.57 3.47
C SER A 641 28.53 -19.92 2.01
N PHE A 642 27.36 -19.55 1.45
CA PHE A 642 26.98 -20.04 0.14
C PHE A 642 27.69 -19.33 -0.98
N PHE A 643 27.72 -17.99 -0.94
CA PHE A 643 28.53 -17.26 -1.91
C PHE A 643 29.96 -17.75 -1.87
N SER A 644 30.49 -17.89 -0.66
CA SER A 644 31.83 -18.39 -0.44
C SER A 644 32.06 -19.71 -1.17
N SER A 645 31.02 -20.52 -1.31
CA SER A 645 31.17 -21.88 -1.84
C SER A 645 31.09 -21.93 -3.36
N LEU A 646 31.47 -20.87 -4.07
CA LEU A 646 31.09 -20.73 -5.46
C LEU A 646 32.28 -20.37 -6.34
N ARG A 647 32.29 -20.90 -7.56
CA ARG A 647 33.37 -20.60 -8.50
C ARG A 647 33.26 -19.13 -8.90
N PRO A 648 34.36 -18.37 -8.87
CA PRO A 648 34.28 -16.91 -9.12
C PRO A 648 33.49 -16.48 -10.34
N GLN A 649 33.39 -17.31 -11.38
CA GLN A 649 32.44 -17.01 -12.46
C GLN A 649 31.01 -16.94 -11.94
N GLU A 650 30.61 -17.88 -11.07
CA GLU A 650 29.25 -17.83 -10.57
C GLU A 650 29.10 -16.88 -9.39
N ARG A 651 30.17 -16.65 -8.64
CA ARG A 651 30.08 -15.61 -7.63
C ARG A 651 29.77 -14.25 -8.29
N ASN A 652 30.19 -14.09 -9.55
CA ASN A 652 29.88 -12.87 -10.30
C ASN A 652 28.38 -12.70 -10.49
N LEU A 653 27.62 -13.79 -10.48
CA LEU A 653 26.17 -13.69 -10.62
C LEU A 653 25.49 -13.01 -9.44
N TYR A 654 26.21 -12.70 -8.37
CA TYR A 654 25.57 -12.10 -7.20
C TYR A 654 26.27 -10.82 -6.82
N GLY A 655 26.88 -10.16 -7.82
CA GLY A 655 27.65 -8.97 -7.57
C GLY A 655 28.87 -9.21 -6.72
N LEU A 656 29.37 -10.46 -6.66
CA LEU A 656 30.53 -10.77 -5.82
C LEU A 656 31.64 -11.50 -6.57
#